data_4V2G
#
_entry.id   4V2G
#
_cell.length_a   69.249
_cell.length_b   69.249
_cell.length_c   182.373
_cell.angle_alpha   90.00
_cell.angle_beta   90.00
_cell.angle_gamma   90.00
#
_symmetry.space_group_name_H-M   'P 43 21 2'
#
loop_
_entity.id
_entity.type
_entity.pdbx_description
1 polymer 'TETRACYCLINE REPRESSOR PROTEIN CLASS D'
2 non-polymer ISO-7-CHLORTETRACYCLINE
3 non-polymer 7-CHLOROTETRACYCLINE
4 non-polymer 'MAGNESIUM ION'
5 water water
#
_entity_poly.entity_id   1
_entity_poly.type   'polypeptide(L)'
_entity_poly.pdbx_seq_one_letter_code
;SRLNRESVIDAALELLNETGIDGLTTRKLAQKLGIEQPTLYWHVKNKRALLDALAVEILARHHDYSLPAAGESWQSFLRN
NAMSFRRALLRYRDGAKVHLGTRPDEKQYDTVETQLRFMTENGFSLRDGLYAISAVSHFTLGAVLEQQEHTAALTDRPAA
PDENLPPLLREALQIMDSDDGEQAFLHGLESLIRGFEVQLTALLQIV
;
_entity_poly.pdbx_strand_id   A,B
#
loop_
_chem_comp.id
_chem_comp.type
_chem_comp.name
_chem_comp.formula
CTC non-polymer 7-CHLOROTETRACYCLINE 'C22 H23 Cl N2 O8'
ITC non-polymer ISO-7-CHLORTETRACYCLINE 'C22 H23 Cl N2 O8'
MG non-polymer 'MAGNESIUM ION' 'Mg 2'
#
# COMPACT_ATOMS: atom_id res chain seq x y z
N SER A 1 -26.71 26.15 0.82
CA SER A 1 -25.52 26.30 -0.07
C SER A 1 -25.93 26.12 -1.51
N ARG A 2 -25.03 26.47 -2.40
CA ARG A 2 -25.15 26.05 -3.77
C ARG A 2 -24.88 24.53 -3.91
N LEU A 3 -25.63 23.89 -4.82
CA LEU A 3 -25.57 22.44 -4.91
C LEU A 3 -25.25 21.90 -6.30
N ASN A 4 -24.26 22.50 -6.94
CA ASN A 4 -23.66 21.89 -8.11
C ASN A 4 -22.55 20.92 -7.71
N ARG A 5 -22.05 20.21 -8.71
CA ARG A 5 -21.03 19.19 -8.55
C ARG A 5 -19.81 19.71 -7.79
N GLU A 6 -19.29 20.83 -8.25
CA GLU A 6 -18.13 21.39 -7.63
C GLU A 6 -18.31 21.73 -6.15
N SER A 7 -19.49 22.22 -5.77
CA SER A 7 -19.74 22.64 -4.39
C SER A 7 -19.87 21.44 -3.50
N VAL A 8 -20.56 20.42 -3.99
CA VAL A 8 -20.78 19.22 -3.23
C VAL A 8 -19.41 18.65 -2.93
N ILE A 9 -18.53 18.67 -3.94
CA ILE A 9 -17.21 18.06 -3.78
C ILE A 9 -16.28 18.87 -2.89
N ASP A 10 -16.21 20.18 -3.06
CA ASP A 10 -15.49 21.01 -2.10
C ASP A 10 -15.91 20.66 -0.69
N ALA A 11 -17.20 20.54 -0.45
CA ALA A 11 -17.69 20.27 0.91
C ALA A 11 -17.27 18.89 1.39
N ALA A 12 -17.34 17.92 0.48
CA ALA A 12 -16.99 16.54 0.78
C ALA A 12 -15.49 16.39 1.16
N LEU A 13 -14.63 17.11 0.45
CA LEU A 13 -13.21 17.10 0.74
C LEU A 13 -12.91 17.65 2.11
N GLU A 14 -13.49 18.79 2.47
CA GLU A 14 -13.35 19.34 3.83
C GLU A 14 -13.83 18.38 4.87
N LEU A 15 -14.98 17.75 4.61
CA LEU A 15 -15.53 16.81 5.55
C LEU A 15 -14.61 15.61 5.75
N LEU A 16 -14.03 15.13 4.65
CA LEU A 16 -13.04 14.06 4.69
C LEU A 16 -11.87 14.36 5.64
N ASN A 17 -11.35 15.59 5.59
CA ASN A 17 -10.29 15.97 6.50
C ASN A 17 -10.73 16.05 7.94
N GLU A 18 -11.99 16.39 8.19
CA GLU A 18 -12.49 16.42 9.57
C GLU A 18 -12.76 15.01 10.10
N THR A 19 -13.37 14.14 9.33
CA THR A 19 -13.81 12.84 9.82
C THR A 19 -12.98 11.63 9.39
N GLY A 20 -12.21 11.76 8.31
CA GLY A 20 -11.61 10.61 7.66
C GLY A 20 -12.68 9.78 6.99
N ILE A 21 -12.26 8.88 6.12
CA ILE A 21 -13.18 8.10 5.29
C ILE A 21 -14.30 7.33 5.98
N ASP A 22 -14.07 6.83 7.19
CA ASP A 22 -15.10 6.05 7.93
C ASP A 22 -16.17 6.93 8.57
N GLY A 23 -15.82 8.17 8.91
CA GLY A 23 -16.81 9.10 9.42
C GLY A 23 -17.44 9.98 8.36
N LEU A 24 -17.17 9.67 7.10
CA LEU A 24 -17.77 10.41 6.01
C LEU A 24 -19.05 9.68 5.66
N THR A 25 -20.19 10.30 5.94
CA THR A 25 -21.51 9.73 5.59
C THR A 25 -22.36 10.75 4.86
N THR A 26 -23.39 10.29 4.18
CA THR A 26 -24.29 11.22 3.54
C THR A 26 -24.97 12.14 4.58
N ARG A 27 -25.35 11.60 5.72
CA ARG A 27 -26.02 12.38 6.75
C ARG A 27 -25.20 13.57 7.16
N LYS A 28 -23.90 13.37 7.33
CA LYS A 28 -23.03 14.43 7.81
C LYS A 28 -22.73 15.46 6.75
N LEU A 29 -22.78 15.02 5.50
CA LEU A 29 -22.56 15.93 4.40
C LEU A 29 -23.81 16.80 4.21
N ALA A 30 -24.99 16.20 4.29
CA ALA A 30 -26.24 16.98 4.33
C ALA A 30 -26.20 18.10 5.39
N GLN A 31 -25.80 17.75 6.62
CA GLN A 31 -25.70 18.73 7.69
C GLN A 31 -24.74 19.84 7.31
N LYS A 32 -23.53 19.48 6.94
CA LYS A 32 -22.53 20.48 6.59
C LYS A 32 -23.03 21.44 5.53
N LEU A 33 -23.80 20.94 4.55
CA LEU A 33 -24.32 21.82 3.48
C LEU A 33 -25.59 22.56 3.86
N GLY A 34 -26.16 22.22 5.00
CA GLY A 34 -27.36 22.88 5.48
C GLY A 34 -28.60 22.48 4.71
N ILE A 35 -28.81 21.17 4.54
CA ILE A 35 -29.93 20.66 3.76
C ILE A 35 -30.40 19.34 4.28
N GLU A 36 -31.63 18.99 3.93
CA GLU A 36 -32.23 17.75 4.36
C GLU A 36 -31.70 16.68 3.44
N GLN A 37 -31.82 15.43 3.87
CA GLN A 37 -31.23 14.30 3.14
C GLN A 37 -31.82 14.06 1.77
N PRO A 38 -33.15 14.07 1.63
CA PRO A 38 -33.72 13.85 0.32
C PRO A 38 -33.25 14.89 -0.68
N THR A 39 -33.03 16.11 -0.24
CA THR A 39 -32.44 17.10 -1.13
C THR A 39 -31.09 16.59 -1.64
N LEU A 40 -30.25 16.08 -0.73
CA LEU A 40 -28.91 15.58 -1.10
C LEU A 40 -28.98 14.41 -2.06
N TYR A 41 -29.95 13.53 -1.84
CA TYR A 41 -30.04 12.30 -2.62
C TYR A 41 -30.25 12.60 -4.11
N TRP A 42 -30.84 13.75 -4.41
CA TRP A 42 -31.12 14.12 -5.76
C TRP A 42 -29.78 14.35 -6.48
N HIS A 43 -28.78 14.84 -5.77
CA HIS A 43 -27.44 15.12 -6.36
C HIS A 43 -26.44 13.98 -6.25
N VAL A 44 -26.58 13.18 -5.18
CA VAL A 44 -25.57 12.20 -4.75
C VAL A 44 -26.29 10.96 -4.27
N LYS A 45 -26.25 9.88 -5.05
CA LYS A 45 -27.10 8.73 -4.74
C LYS A 45 -26.70 7.98 -3.47
N ASN A 46 -25.40 7.91 -3.17
CA ASN A 46 -24.87 7.12 -2.02
C ASN A 46 -23.37 7.35 -1.80
N LYS A 47 -22.84 6.74 -0.73
CA LYS A 47 -21.41 6.80 -0.43
C LYS A 47 -20.45 6.35 -1.55
N ARG A 48 -20.76 5.26 -2.26
CA ARG A 48 -19.83 4.77 -3.28
C ARG A 48 -19.66 5.81 -4.37
N ALA A 49 -20.79 6.36 -4.81
CA ALA A 49 -20.79 7.37 -5.88
C ALA A 49 -19.93 8.57 -5.50
N LEU A 50 -20.03 9.00 -4.24
CA LEU A 50 -19.28 10.12 -3.74
C LEU A 50 -17.79 9.83 -3.72
N LEU A 51 -17.43 8.66 -3.23
CA LEU A 51 -16.02 8.27 -3.20
C LEU A 51 -15.43 8.17 -4.59
N ASP A 52 -16.18 7.60 -5.54
CA ASP A 52 -15.64 7.47 -6.90
C ASP A 52 -15.25 8.82 -7.44
N ALA A 53 -16.09 9.80 -7.15
CA ALA A 53 -15.88 11.17 -7.61
C ALA A 53 -14.74 11.88 -6.89
N LEU A 54 -14.60 11.61 -5.60
CA LEU A 54 -13.49 12.23 -4.83
C LEU A 54 -12.14 11.72 -5.34
N ALA A 55 -12.09 10.44 -5.61
CA ALA A 55 -10.89 9.84 -6.17
C ALA A 55 -10.47 10.60 -7.41
N VAL A 56 -11.43 10.80 -8.29
CA VAL A 56 -11.10 11.39 -9.55
C VAL A 56 -10.65 12.83 -9.33
N GLU A 57 -11.29 13.49 -8.38
CA GLU A 57 -11.04 14.92 -8.19
C GLU A 57 -9.75 15.24 -7.46
N ILE A 58 -9.38 14.40 -6.50
CA ILE A 58 -8.09 14.56 -5.86
C ILE A 58 -6.95 14.57 -6.91
N LEU A 59 -6.95 13.61 -7.85
CA LEU A 59 -5.93 13.59 -8.87
C LEU A 59 -6.12 14.76 -9.81
N ALA A 60 -7.34 15.04 -10.25
CA ALA A 60 -7.50 16.16 -11.20
C ALA A 60 -7.02 17.49 -10.65
N ARG A 61 -7.18 17.72 -9.37
CA ARG A 61 -6.71 18.95 -8.78
C ARG A 61 -5.25 18.95 -8.44
N HIS A 62 -4.69 17.82 -8.02
CA HIS A 62 -3.35 17.86 -7.39
C HIS A 62 -2.27 16.99 -7.99
N HIS A 63 -2.61 16.14 -8.96
CA HIS A 63 -1.62 15.28 -9.61
C HIS A 63 -1.28 15.95 -10.94
N ASP A 64 -0.39 16.91 -10.89
CA ASP A 64 -0.13 17.69 -12.07
C ASP A 64 1.08 17.25 -12.90
N TYR A 65 1.84 16.22 -12.48
CA TYR A 65 2.87 15.67 -13.37
C TYR A 65 2.38 14.35 -13.97
N SER A 66 1.34 14.48 -14.80
CA SER A 66 0.58 13.40 -15.47
C SER A 66 1.20 13.00 -16.80
N LEU A 67 1.87 13.94 -17.43
CA LEU A 67 2.42 13.71 -18.75
C LEU A 67 3.88 14.06 -18.83
N PRO A 68 4.59 13.40 -19.74
CA PRO A 68 5.97 13.75 -20.00
C PRO A 68 6.10 15.18 -20.47
N ALA A 69 7.18 15.83 -20.07
CA ALA A 69 7.55 17.07 -20.71
C ALA A 69 8.12 16.73 -22.07
N ALA A 70 8.27 17.74 -22.91
CA ALA A 70 8.85 17.57 -24.22
C ALA A 70 10.33 17.21 -24.06
N GLY A 71 10.74 16.13 -24.73
CA GLY A 71 12.13 15.70 -24.71
C GLY A 71 12.56 14.91 -23.48
N GLU A 72 11.66 14.77 -22.51
CA GLU A 72 12.01 14.20 -21.22
C GLU A 72 12.28 12.71 -21.42
N SER A 73 13.28 12.23 -20.67
CA SER A 73 13.67 10.82 -20.64
C SER A 73 12.65 10.00 -19.87
N TRP A 74 12.52 8.72 -20.18
CA TRP A 74 11.54 7.90 -19.42
C TRP A 74 11.89 7.81 -17.94
N GLN A 75 13.17 7.69 -17.64
CA GLN A 75 13.58 7.70 -16.25
C GLN A 75 13.03 8.90 -15.49
N SER A 76 13.21 10.08 -16.06
CA SER A 76 12.81 11.31 -15.37
C SER A 76 11.29 11.42 -15.25
N PHE A 77 10.60 10.92 -16.26
CA PHE A 77 9.16 10.99 -16.21
C PHE A 77 8.67 10.10 -15.08
N LEU A 78 9.18 8.87 -15.01
CA LEU A 78 8.78 8.01 -13.93
C LEU A 78 9.04 8.65 -12.58
N ARG A 79 10.17 9.31 -12.44
CA ARG A 79 10.50 9.96 -11.19
C ARG A 79 9.48 11.05 -10.83
N ASN A 80 9.32 12.03 -11.71
CA ASN A 80 8.38 13.12 -11.46
C ASN A 80 6.94 12.62 -11.29
N ASN A 81 6.56 11.63 -12.08
CA ASN A 81 5.21 11.15 -12.04
C ASN A 81 4.89 10.55 -10.67
N ALA A 82 5.87 9.88 -10.10
CA ALA A 82 5.64 9.20 -8.86
C ALA A 82 5.61 10.22 -7.75
N MET A 83 6.45 11.23 -7.82
CA MET A 83 6.47 12.25 -6.82
C MET A 83 5.13 12.95 -6.74
N SER A 84 4.59 13.24 -7.92
CA SER A 84 3.32 13.96 -8.05
C SER A 84 2.16 13.12 -7.52
N PHE A 85 2.18 11.86 -7.85
CA PHE A 85 1.19 10.94 -7.32
C PHE A 85 1.23 10.84 -5.75
N ARG A 86 2.41 10.76 -5.13
CA ARG A 86 2.42 10.73 -3.63
C ARG A 86 1.92 12.05 -3.04
N ARG A 87 2.34 13.18 -3.61
CA ARG A 87 1.94 14.48 -3.08
C ARG A 87 0.41 14.55 -3.01
N ALA A 88 -0.25 14.08 -4.06
CA ALA A 88 -1.68 14.23 -4.17
C ALA A 88 -2.40 13.32 -3.21
N LEU A 89 -1.95 12.08 -3.10
CA LEU A 89 -2.54 11.17 -2.15
C LEU A 89 -2.42 11.67 -0.72
N LEU A 90 -1.34 12.38 -0.43
CA LEU A 90 -1.06 12.85 0.92
C LEU A 90 -1.85 14.07 1.31
N ARG A 91 -2.32 14.83 0.34
CA ARG A 91 -2.99 16.09 0.61
C ARG A 91 -4.29 15.96 1.40
N TYR A 92 -4.93 14.79 1.44
CA TYR A 92 -6.14 14.63 2.25
C TYR A 92 -6.07 13.38 3.14
N ARG A 93 -6.58 13.52 4.34
CA ARG A 93 -6.72 12.41 5.27
C ARG A 93 -7.29 11.25 4.52
N ASP A 94 -6.73 10.07 4.70
CA ASP A 94 -7.20 8.87 4.04
C ASP A 94 -7.30 9.01 2.53
N GLY A 95 -6.57 9.97 1.95
CA GLY A 95 -6.48 10.11 0.50
C GLY A 95 -6.23 8.80 -0.23
N ALA A 96 -5.25 8.02 0.23
CA ALA A 96 -4.88 6.81 -0.46
C ALA A 96 -5.95 5.76 -0.38
N LYS A 97 -6.66 5.69 0.73
CA LYS A 97 -7.74 4.71 0.82
C LYS A 97 -8.88 5.08 -0.06
N VAL A 98 -9.04 6.37 -0.28
CA VAL A 98 -10.11 6.83 -1.14
C VAL A 98 -9.76 6.36 -2.55
N HIS A 99 -8.50 6.53 -2.96
CA HIS A 99 -8.10 6.14 -4.32
C HIS A 99 -8.19 4.63 -4.65
N LEU A 100 -7.82 3.82 -3.67
CA LEU A 100 -7.66 2.41 -3.76
C LEU A 100 -8.93 1.70 -4.20
N GLY A 101 -10.02 2.12 -3.60
CA GLY A 101 -11.31 1.50 -3.79
C GLY A 101 -11.99 1.95 -5.06
N THR A 102 -11.23 2.59 -5.96
CA THR A 102 -11.69 3.13 -7.26
C THR A 102 -10.92 2.53 -8.46
N ARG A 103 -11.52 2.56 -9.65
CA ARG A 103 -10.78 2.34 -10.92
C ARG A 103 -10.72 3.61 -11.81
N PRO A 104 -9.86 3.61 -12.88
CA PRO A 104 -9.78 4.80 -13.73
C PRO A 104 -11.09 5.28 -14.36
N ASP A 105 -11.25 6.59 -14.43
CA ASP A 105 -12.42 7.25 -14.94
C ASP A 105 -12.20 7.52 -16.41
N GLU A 106 -13.29 7.63 -17.18
CA GLU A 106 -13.22 8.07 -18.58
C GLU A 106 -12.15 9.13 -18.84
N LYS A 107 -12.13 10.18 -18.01
CA LYS A 107 -11.21 11.32 -18.16
C LYS A 107 -9.76 10.90 -18.02
N GLN A 108 -9.52 9.80 -17.32
CA GLN A 108 -8.16 9.35 -17.03
C GLN A 108 -7.59 8.42 -18.08
N TYR A 109 -8.47 7.71 -18.79
CA TYR A 109 -8.07 6.79 -19.86
C TYR A 109 -6.95 7.28 -20.76
N ASP A 110 -7.18 8.40 -21.42
CA ASP A 110 -6.31 8.83 -22.48
C ASP A 110 -5.02 9.46 -21.91
N THR A 111 -5.04 9.84 -20.64
CA THR A 111 -3.81 10.22 -19.91
C THR A 111 -2.93 9.00 -19.68
N VAL A 112 -3.55 7.90 -19.30
CA VAL A 112 -2.82 6.66 -19.10
C VAL A 112 -2.35 6.06 -20.44
N GLU A 113 -3.14 6.25 -21.50
CA GLU A 113 -2.79 5.74 -22.83
C GLU A 113 -1.49 6.43 -23.29
N THR A 114 -1.50 7.75 -23.18
CA THR A 114 -0.35 8.55 -23.52
C THR A 114 0.89 8.07 -22.74
N GLN A 115 0.70 7.68 -21.49
CA GLN A 115 1.81 7.19 -20.68
C GLN A 115 2.31 5.89 -21.21
N LEU A 116 1.42 5.01 -21.56
CA LEU A 116 1.85 3.75 -22.17
C LEU A 116 2.51 3.96 -23.50
N ARG A 117 1.99 4.86 -24.34
CA ARG A 117 2.57 5.02 -25.67
C ARG A 117 4.00 5.51 -25.49
N PHE A 118 4.16 6.50 -24.61
CA PHE A 118 5.47 7.09 -24.29
C PHE A 118 6.53 6.05 -23.90
N MET A 119 6.19 5.10 -23.05
CA MET A 119 7.14 4.04 -22.74
C MET A 119 7.48 3.16 -23.94
N THR A 120 6.50 2.85 -24.78
CA THR A 120 6.77 1.95 -25.91
C THR A 120 7.63 2.64 -26.94
N GLU A 121 7.38 3.93 -27.13
CA GLU A 121 8.15 4.69 -28.09
C GLU A 121 9.51 5.06 -27.49
N ASN A 122 9.86 4.43 -26.37
CA ASN A 122 11.18 4.59 -25.76
C ASN A 122 11.86 3.23 -25.63
N GLY A 123 11.30 2.22 -26.29
CA GLY A 123 11.92 0.89 -26.29
C GLY A 123 11.28 -0.21 -25.47
N PHE A 124 10.24 0.10 -24.68
CA PHE A 124 9.62 -0.93 -23.83
C PHE A 124 8.60 -1.67 -24.63
N SER A 125 8.62 -2.99 -24.57
CA SER A 125 7.43 -3.71 -25.00
C SER A 125 6.23 -3.19 -24.19
N LEU A 126 5.04 -3.28 -24.77
CA LEU A 126 3.86 -2.83 -24.09
C LEU A 126 3.77 -3.50 -22.71
N ARG A 127 4.19 -4.76 -22.62
CA ARG A 127 4.11 -5.49 -21.37
C ARG A 127 5.06 -4.88 -20.33
N ASP A 128 6.31 -4.75 -20.72
CA ASP A 128 7.34 -4.31 -19.82
C ASP A 128 7.08 -2.88 -19.39
N GLY A 129 6.49 -2.11 -20.29
CA GLY A 129 6.18 -0.73 -19.98
C GLY A 129 5.07 -0.62 -18.95
N LEU A 130 4.13 -1.54 -19.04
CA LEU A 130 3.03 -1.60 -18.12
C LEU A 130 3.53 -2.05 -16.73
N TYR A 131 4.33 -3.13 -16.70
CA TYR A 131 4.96 -3.58 -15.47
C TYR A 131 5.71 -2.48 -14.76
N ALA A 132 6.44 -1.69 -15.52
CA ALA A 132 7.18 -0.62 -14.93
C ALA A 132 6.23 0.37 -14.33
N ILE A 133 5.26 0.77 -15.10
CA ILE A 133 4.32 1.75 -14.60
C ILE A 133 3.49 1.27 -13.42
N SER A 134 3.13 0.01 -13.40
CA SER A 134 2.40 -0.55 -12.27
C SER A 134 3.27 -0.57 -11.03
N ALA A 135 4.50 -1.05 -11.19
CA ALA A 135 5.41 -1.18 -10.07
C ALA A 135 5.60 0.14 -9.35
N VAL A 136 5.86 1.18 -10.11
CA VAL A 136 5.95 2.49 -9.55
C VAL A 136 4.64 2.84 -8.84
N SER A 137 3.51 2.48 -9.44
CA SER A 137 2.24 2.77 -8.81
C SER A 137 2.05 2.07 -7.50
N HIS A 138 2.27 0.77 -7.51
CA HIS A 138 2.09 0.02 -6.31
C HIS A 138 3.01 0.46 -5.18
N PHE A 139 4.28 0.67 -5.50
CA PHE A 139 5.27 1.03 -4.51
C PHE A 139 4.85 2.33 -3.87
N THR A 140 4.46 3.28 -4.69
CA THR A 140 4.03 4.56 -4.16
C THR A 140 2.79 4.44 -3.25
N LEU A 141 1.83 3.67 -3.71
CA LEU A 141 0.58 3.52 -3.01
C LEU A 141 0.83 2.93 -1.63
N GLY A 142 1.53 1.80 -1.59
CA GLY A 142 1.90 1.17 -0.34
C GLY A 142 2.67 2.09 0.58
N ALA A 143 3.63 2.85 0.06
CA ALA A 143 4.43 3.71 0.95
C ALA A 143 3.54 4.78 1.62
N VAL A 144 2.60 5.33 0.87
CA VAL A 144 1.68 6.35 1.41
C VAL A 144 0.65 5.74 2.38
N LEU A 145 0.05 4.63 1.99
CA LEU A 145 -0.84 3.94 2.89
C LEU A 145 -0.23 3.60 4.25
N GLU A 146 1.01 3.11 4.29
CA GLU A 146 1.64 2.77 5.57
C GLU A 146 1.95 4.03 6.37
N GLN A 147 2.09 5.17 5.71
CA GLN A 147 2.29 6.41 6.44
C GLN A 147 0.94 6.86 7.06
N GLN A 148 -0.07 6.92 6.20
CA GLN A 148 -1.35 7.48 6.59
C GLN A 148 -2.12 6.63 7.61
N GLU A 149 -2.09 5.32 7.43
CA GLU A 149 -2.81 4.39 8.29
C GLU A 149 -2.05 4.19 9.58
N HIS A 150 -0.73 4.36 9.55
CA HIS A 150 0.03 4.33 10.79
C HIS A 150 -0.25 5.53 11.65
N THR A 151 -0.50 6.69 11.04
CA THR A 151 -0.81 7.85 11.86
C THR A 151 -2.32 7.84 12.32
N ALA A 152 -3.19 7.20 11.53
CA ALA A 152 -4.63 6.95 11.93
C ALA A 152 -4.85 5.93 13.08
N ALA A 153 -3.83 5.13 13.38
CA ALA A 153 -3.87 4.15 14.45
C ALA A 153 -3.11 4.60 15.71
N LEU A 154 -2.36 5.70 15.62
CA LEU A 154 -1.80 6.40 16.81
C LEU A 154 -2.88 6.84 17.81
N THR A 155 -4.10 7.12 17.34
CA THR A 155 -5.25 7.37 18.23
C THR A 155 -5.45 6.23 19.26
N ASP A 156 -5.78 5.02 18.80
CA ASP A 156 -6.26 3.96 19.70
C ASP A 156 -5.16 3.00 20.19
N ARG A 157 -3.90 3.28 19.90
CA ARG A 157 -2.81 2.33 20.20
C ARG A 157 -1.78 2.92 21.19
N PRO A 158 -1.10 2.06 21.98
CA PRO A 158 -0.01 2.53 22.88
C PRO A 158 1.28 2.99 22.16
N ALA A 159 2.31 3.33 22.95
CA ALA A 159 3.67 3.50 22.43
C ALA A 159 4.45 2.20 22.65
N ALA A 160 5.57 2.02 21.94
CA ALA A 160 6.40 0.83 22.11
C ALA A 160 7.38 1.07 23.27
N PRO A 161 7.37 0.19 24.29
CA PRO A 161 8.33 0.41 25.39
C PRO A 161 9.78 0.29 24.89
N ASP A 162 10.39 1.44 24.63
CA ASP A 162 11.79 1.56 24.19
C ASP A 162 12.74 0.74 25.08
N GLU A 163 12.35 0.49 26.33
CA GLU A 163 13.02 -0.48 27.23
C GLU A 163 13.46 -1.74 26.50
N ASN A 164 12.48 -2.56 26.11
CA ASN A 164 12.78 -3.88 25.55
C ASN A 164 13.00 -3.90 24.02
N LEU A 165 13.04 -2.73 23.39
CA LEU A 165 13.53 -2.62 22.00
C LEU A 165 15.00 -3.05 21.83
N PRO A 166 15.28 -4.01 20.92
CA PRO A 166 16.67 -4.28 20.57
C PRO A 166 17.26 -3.13 19.77
N PRO A 167 18.60 -3.09 19.71
CA PRO A 167 19.36 -1.89 19.31
C PRO A 167 19.16 -1.43 17.88
N LEU A 168 19.22 -2.34 16.93
CA LEU A 168 19.15 -1.95 15.52
C LEU A 168 17.77 -1.44 15.15
N LEU A 169 16.77 -2.22 15.53
CA LEU A 169 15.35 -1.82 15.45
C LEU A 169 15.10 -0.47 16.07
N ARG A 170 15.53 -0.24 17.31
CA ARG A 170 15.38 1.11 17.94
C ARG A 170 15.96 2.24 17.06
N GLU A 171 17.18 2.06 16.58
CA GLU A 171 17.76 3.00 15.65
C GLU A 171 16.94 3.09 14.34
N ALA A 172 16.34 1.97 13.94
CA ALA A 172 15.61 1.91 12.68
C ALA A 172 14.30 2.69 12.74
N LEU A 173 13.52 2.47 13.80
CA LEU A 173 12.28 3.25 14.04
C LEU A 173 12.52 4.75 14.23
N GLN A 174 13.54 5.14 14.97
CA GLN A 174 13.94 6.56 14.98
C GLN A 174 14.12 7.11 13.56
N ILE A 175 14.72 6.33 12.67
CA ILE A 175 14.95 6.77 11.29
C ILE A 175 13.67 6.91 10.45
N MET A 176 12.71 6.00 10.60
CA MET A 176 11.46 6.08 9.85
C MET A 176 10.71 7.34 10.24
N ASP A 177 10.79 7.66 11.53
CA ASP A 177 10.03 8.77 12.13
C ASP A 177 10.67 10.14 11.93
N SER A 178 11.94 10.19 11.55
CA SER A 178 12.62 11.46 11.32
C SER A 178 11.95 12.34 10.25
N ASP A 179 11.22 11.72 9.33
CA ASP A 179 10.36 12.49 8.43
C ASP A 179 9.09 11.71 8.13
N ASP A 180 8.44 12.01 7.00
CA ASP A 180 7.20 11.33 6.63
C ASP A 180 7.41 9.98 5.89
N GLY A 181 8.65 9.61 5.64
CA GLY A 181 8.93 8.46 4.77
C GLY A 181 9.43 8.88 3.39
N GLU A 182 9.51 10.19 3.16
CA GLU A 182 9.96 10.75 1.90
C GLU A 182 11.34 10.25 1.46
N GLN A 183 12.28 10.21 2.40
CA GLN A 183 13.61 9.75 2.08
C GLN A 183 13.66 8.28 1.69
N ALA A 184 13.01 7.44 2.48
CA ALA A 184 12.92 6.05 2.14
C ALA A 184 12.22 5.90 0.77
N PHE A 185 11.22 6.74 0.52
CA PHE A 185 10.52 6.68 -0.72
C PHE A 185 11.41 7.05 -1.91
N LEU A 186 12.12 8.16 -1.83
CA LEU A 186 12.92 8.59 -2.94
C LEU A 186 14.08 7.67 -3.21
N HIS A 187 14.63 7.12 -2.14
CA HIS A 187 15.76 6.19 -2.28
C HIS A 187 15.28 4.91 -3.01
N GLY A 188 14.18 4.35 -2.51
CA GLY A 188 13.51 3.21 -3.12
C GLY A 188 13.15 3.46 -4.58
N LEU A 189 12.66 4.64 -4.87
CA LEU A 189 12.27 4.99 -6.23
C LEU A 189 13.44 4.92 -7.21
N GLU A 190 14.61 5.43 -6.81
CA GLU A 190 15.77 5.35 -7.67
C GLU A 190 16.20 3.93 -7.94
N SER A 191 16.09 3.08 -6.93
CA SER A 191 16.42 1.66 -7.11
C SER A 191 15.48 0.99 -8.10
N LEU A 192 14.18 1.33 -8.05
CA LEU A 192 13.24 0.84 -9.05
C LEU A 192 13.60 1.27 -10.45
N ILE A 193 13.84 2.55 -10.60
CA ILE A 193 14.09 3.09 -11.93
C ILE A 193 15.36 2.44 -12.53
N ARG A 194 16.44 2.34 -11.78
CA ARG A 194 17.69 1.77 -12.31
C ARG A 194 17.49 0.31 -12.68
N GLY A 195 16.76 -0.41 -11.86
CA GLY A 195 16.41 -1.79 -12.13
C GLY A 195 15.68 -1.94 -13.43
N PHE A 196 14.81 -1.02 -13.76
CA PHE A 196 14.16 -1.10 -15.06
C PHE A 196 15.13 -0.77 -16.17
N GLU A 197 16.04 0.14 -15.91
CA GLU A 197 17.04 0.44 -16.87
C GLU A 197 17.90 -0.75 -17.22
N VAL A 198 18.26 -1.58 -16.26
CA VAL A 198 19.12 -2.74 -16.53
C VAL A 198 18.41 -3.79 -17.38
N GLN A 199 17.15 -4.02 -17.06
CA GLN A 199 16.28 -4.89 -17.83
C GLN A 199 16.11 -4.46 -19.29
N LEU A 200 15.92 -3.16 -19.52
CA LEU A 200 15.68 -2.64 -20.87
C LEU A 200 16.91 -2.82 -21.75
N THR A 201 18.04 -2.36 -21.21
CA THR A 201 19.37 -2.43 -21.79
C THR A 201 19.79 -3.81 -22.22
N ALA A 202 19.46 -4.81 -21.41
CA ALA A 202 19.87 -6.18 -21.67
C ALA A 202 19.25 -6.80 -22.95
N LEU A 203 18.04 -6.39 -23.32
CA LEU A 203 17.38 -6.93 -24.53
C LEU A 203 17.23 -8.47 -24.42
N LEU A 204 17.97 -9.21 -25.26
CA LEU A 204 17.94 -10.68 -25.23
C LEU A 204 19.16 -11.31 -24.54
N GLN A 205 20.08 -10.47 -24.06
CA GLN A 205 21.17 -10.95 -23.20
C GLN A 205 20.60 -11.61 -21.94
N ILE A 206 21.40 -12.49 -21.36
CA ILE A 206 21.13 -12.97 -20.02
C ILE A 206 21.78 -12.03 -19.01
N VAL A 207 20.96 -11.57 -18.06
CA VAL A 207 21.33 -10.45 -17.21
C VAL A 207 21.02 -10.77 -15.75
N SER B 1 -18.69 -21.17 23.27
CA SER B 1 -17.32 -21.59 22.78
C SER B 1 -16.29 -21.42 23.87
N ARG B 2 -15.10 -21.98 23.64
CA ARG B 2 -13.92 -21.60 24.42
C ARG B 2 -13.52 -20.17 24.14
N LEU B 3 -13.08 -19.48 25.18
CA LEU B 3 -12.72 -18.10 25.00
C LEU B 3 -11.29 -17.77 25.41
N ASN B 4 -10.34 -18.61 25.01
CA ASN B 4 -8.94 -18.21 25.10
C ASN B 4 -8.54 -17.42 23.85
N ARG B 5 -7.32 -16.89 23.89
CA ARG B 5 -6.75 -16.09 22.83
C ARG B 5 -6.83 -16.79 21.48
N GLU B 6 -6.36 -18.01 21.43
CA GLU B 6 -6.35 -18.74 20.21
C GLU B 6 -7.75 -18.93 19.60
N SER B 7 -8.76 -19.15 20.45
CA SER B 7 -10.11 -19.41 19.95
C SER B 7 -10.74 -18.16 19.44
N VAL B 8 -10.53 -17.07 20.16
CA VAL B 8 -11.09 -15.80 19.75
C VAL B 8 -10.52 -15.49 18.39
N ILE B 9 -9.23 -15.74 18.22
CA ILE B 9 -8.56 -15.39 16.97
C ILE B 9 -8.96 -16.32 15.81
N ASP B 10 -9.00 -17.64 16.03
CA ASP B 10 -9.58 -18.52 15.01
C ASP B 10 -10.92 -17.98 14.54
N ALA B 11 -11.78 -17.58 15.46
CA ALA B 11 -13.12 -17.11 15.09
C ALA B 11 -13.07 -15.81 14.29
N ALA B 12 -12.16 -14.93 14.70
CA ALA B 12 -12.00 -13.62 14.10
C ALA B 12 -11.53 -13.76 12.65
N LEU B 13 -10.60 -14.69 12.40
CA LEU B 13 -10.12 -14.99 11.06
C LEU B 13 -11.23 -15.50 10.12
N GLU B 14 -12.02 -16.47 10.56
CA GLU B 14 -13.18 -16.95 9.79
C GLU B 14 -14.15 -15.83 9.49
N LEU B 15 -14.45 -15.01 10.49
CA LEU B 15 -15.37 -13.91 10.31
C LEU B 15 -14.85 -12.93 9.27
N LEU B 16 -13.56 -12.66 9.32
CA LEU B 16 -12.91 -11.80 8.37
C LEU B 16 -13.14 -12.26 6.91
N ASN B 17 -13.00 -13.57 6.66
CA ASN B 17 -13.27 -14.07 5.34
C ASN B 17 -14.74 -13.98 4.94
N GLU B 18 -15.67 -14.01 5.90
CA GLU B 18 -17.10 -13.86 5.58
C GLU B 18 -17.49 -12.39 5.32
N THR B 19 -17.02 -11.48 6.14
CA THR B 19 -17.47 -10.10 6.06
C THR B 19 -16.47 -9.13 5.39
N GLY B 20 -15.20 -9.50 5.34
CA GLY B 20 -14.12 -8.53 5.11
C GLY B 20 -13.97 -7.56 6.28
N ILE B 21 -12.87 -6.84 6.29
CA ILE B 21 -12.51 -5.94 7.40
C ILE B 21 -13.58 -4.91 7.87
N ASP B 22 -14.42 -4.40 6.97
CA ASP B 22 -15.43 -3.36 7.33
C ASP B 22 -16.63 -3.95 8.01
N GLY B 23 -16.94 -5.20 7.68
CA GLY B 23 -18.01 -5.91 8.34
C GLY B 23 -17.55 -6.74 9.52
N LEU B 24 -16.31 -6.55 9.95
CA LEU B 24 -15.81 -7.20 11.13
C LEU B 24 -16.05 -6.23 12.28
N THR B 25 -17.01 -6.57 13.15
CA THR B 25 -17.30 -5.77 14.35
C THR B 25 -17.31 -6.64 15.58
N THR B 26 -17.18 -6.04 16.75
CA THR B 26 -17.22 -6.81 17.98
C THR B 26 -18.59 -7.49 18.11
N ARG B 27 -19.67 -6.80 17.76
CA ARG B 27 -21.01 -7.37 17.84
C ARG B 27 -21.13 -8.68 17.08
N LYS B 28 -20.59 -8.72 15.88
CA LYS B 28 -20.71 -9.90 15.02
C LYS B 28 -19.82 -11.04 15.46
N LEU B 29 -18.73 -10.69 16.14
CA LEU B 29 -17.82 -11.71 16.66
C LEU B 29 -18.46 -12.34 17.91
N ALA B 30 -19.05 -11.51 18.76
CA ALA B 30 -19.85 -12.03 19.87
C ALA B 30 -20.89 -13.05 19.39
N GLN B 31 -21.65 -12.69 18.35
CA GLN B 31 -22.69 -13.58 17.84
C GLN B 31 -22.06 -14.87 17.42
N LYS B 32 -21.04 -14.78 16.57
CA LYS B 32 -20.41 -15.99 16.06
C LYS B 32 -19.91 -16.93 17.15
N LEU B 33 -19.41 -16.37 18.23
CA LEU B 33 -18.96 -17.19 19.35
C LEU B 33 -20.08 -17.65 20.30
N GLY B 34 -21.29 -17.10 20.12
CA GLY B 34 -22.43 -17.47 20.93
C GLY B 34 -22.37 -16.90 22.33
N ILE B 35 -22.10 -15.60 22.43
CA ILE B 35 -21.94 -14.95 23.70
C ILE B 35 -22.38 -13.51 23.62
N GLU B 36 -22.67 -12.93 24.77
CA GLU B 36 -23.10 -11.56 24.86
C GLU B 36 -21.87 -10.70 24.80
N GLN B 37 -22.07 -9.42 24.54
CA GLN B 37 -20.96 -8.48 24.28
C GLN B 37 -20.09 -8.21 25.48
N PRO B 38 -20.67 -7.95 26.64
CA PRO B 38 -19.82 -7.75 27.81
C PRO B 38 -18.92 -8.94 28.09
N THR B 39 -19.38 -10.15 27.84
CA THR B 39 -18.52 -11.29 27.97
C THR B 39 -17.29 -11.12 27.07
N LEU B 40 -17.52 -10.74 25.82
CA LEU B 40 -16.41 -10.53 24.85
C LEU B 40 -15.45 -9.42 25.29
N TYR B 41 -15.99 -8.35 25.85
CA TYR B 41 -15.18 -7.19 26.22
C TYR B 41 -14.10 -7.55 27.25
N TRP B 42 -14.37 -8.57 28.03
CA TRP B 42 -13.45 -9.01 29.04
C TRP B 42 -12.19 -9.57 28.34
N HIS B 43 -12.35 -10.19 27.18
CA HIS B 43 -11.24 -10.74 26.42
C HIS B 43 -10.62 -9.81 25.36
N VAL B 44 -11.46 -8.94 24.82
CA VAL B 44 -11.14 -8.12 23.65
C VAL B 44 -11.68 -6.71 23.86
N LYS B 45 -10.82 -5.73 24.06
CA LYS B 45 -11.31 -4.41 24.45
C LYS B 45 -12.02 -3.65 23.35
N ASN B 46 -11.58 -3.81 22.11
CA ASN B 46 -12.13 -3.06 20.94
C ASN B 46 -11.57 -3.55 19.60
N LYS B 47 -12.08 -2.98 18.51
CA LYS B 47 -11.62 -3.32 17.14
C LYS B 47 -10.10 -3.15 16.90
N ARG B 48 -9.49 -2.09 17.38
CA ARG B 48 -8.07 -1.88 17.10
C ARG B 48 -7.23 -3.03 17.69
N ALA B 49 -7.52 -3.38 18.94
CA ALA B 49 -6.80 -4.43 19.65
C ALA B 49 -6.89 -5.74 18.90
N LEU B 50 -8.07 -6.02 18.35
CA LEU B 50 -8.31 -7.23 17.57
C LEU B 50 -7.49 -7.25 16.28
N LEU B 51 -7.53 -6.15 15.55
CA LEU B 51 -6.79 -6.06 14.33
C LEU B 51 -5.30 -6.19 14.58
N ASP B 52 -4.78 -5.53 15.62
CA ASP B 52 -3.32 -5.61 15.88
C ASP B 52 -2.88 -7.06 16.02
N ALA B 53 -3.72 -7.84 16.69
CA ALA B 53 -3.46 -9.23 16.95
C ALA B 53 -3.59 -10.13 15.69
N LEU B 54 -4.53 -9.80 14.84
CA LEU B 54 -4.75 -10.55 13.60
C LEU B 54 -3.56 -10.36 12.68
N ALA B 55 -3.10 -9.12 12.62
CA ALA B 55 -1.89 -8.81 11.85
C ALA B 55 -0.74 -9.69 12.26
N VAL B 56 -0.52 -9.75 13.56
CA VAL B 56 0.60 -10.52 14.07
C VAL B 56 0.38 -11.99 13.78
N GLU B 57 -0.86 -12.47 13.91
CA GLU B 57 -1.14 -13.91 13.78
C GLU B 57 -1.11 -14.45 12.35
N ILE B 58 -1.60 -13.64 11.41
CA ILE B 58 -1.53 -14.02 10.02
C ILE B 58 -0.08 -14.33 9.66
N LEU B 59 0.84 -13.45 10.06
CA LEU B 59 2.25 -13.68 9.75
C LEU B 59 2.76 -14.85 10.56
N ALA B 60 2.46 -14.90 11.86
CA ALA B 60 3.00 -16.04 12.63
C ALA B 60 2.59 -17.39 12.09
N ARG B 61 1.37 -17.49 11.55
CA ARG B 61 0.94 -18.76 10.99
C ARG B 61 1.39 -19.02 9.58
N HIS B 62 1.50 -18.01 8.73
CA HIS B 62 1.69 -18.26 7.31
C HIS B 62 2.92 -17.66 6.64
N HIS B 63 3.67 -16.82 7.33
CA HIS B 63 4.86 -16.17 6.75
C HIS B 63 6.06 -16.95 7.20
N ASP B 64 6.38 -17.98 6.45
CA ASP B 64 7.42 -18.89 6.90
C ASP B 64 8.81 -18.69 6.25
N TYR B 65 8.98 -17.66 5.40
CA TYR B 65 10.34 -17.32 4.98
C TYR B 65 10.77 -15.98 5.58
N SER B 66 10.91 -15.97 6.91
CA SER B 66 11.22 -14.76 7.64
C SER B 66 12.66 -14.65 8.10
N LEU B 67 13.42 -15.72 7.98
CA LEU B 67 14.86 -15.64 8.24
C LEU B 67 15.67 -16.17 7.08
N PRO B 68 16.91 -15.67 6.93
CA PRO B 68 17.80 -16.16 5.89
C PRO B 68 18.10 -17.61 6.14
N ALA B 69 18.23 -18.37 5.06
CA ALA B 69 18.80 -19.68 5.20
C ALA B 69 20.30 -19.50 5.43
N ALA B 70 20.94 -20.58 5.83
CA ALA B 70 22.37 -20.57 6.02
C ALA B 70 23.03 -20.40 4.65
N GLY B 71 23.96 -19.45 4.58
CA GLY B 71 24.71 -19.21 3.35
C GLY B 71 23.99 -18.36 2.31
N GLU B 72 22.72 -18.03 2.56
CA GLU B 72 21.90 -17.41 1.54
C GLU B 72 22.36 -15.98 1.32
N SER B 73 22.31 -15.57 0.05
CA SER B 73 22.66 -14.23 -0.40
C SER B 73 21.58 -13.23 -0.01
N TRP B 74 21.91 -11.95 0.18
CA TRP B 74 20.86 -10.97 0.50
C TRP B 74 19.83 -10.88 -0.61
N GLN B 75 20.27 -10.90 -1.86
CA GLN B 75 19.34 -10.89 -2.98
C GLN B 75 18.28 -11.95 -2.83
N SER B 76 18.72 -13.18 -2.57
CA SER B 76 17.78 -14.29 -2.51
C SER B 76 16.85 -14.22 -1.29
N PHE B 77 17.37 -13.71 -0.19
CA PHE B 77 16.56 -13.63 0.98
C PHE B 77 15.44 -12.60 0.72
N LEU B 78 15.77 -11.45 0.15
CA LEU B 78 14.75 -10.47 -0.17
C LEU B 78 13.69 -11.08 -1.07
N ARG B 79 14.11 -11.88 -2.04
CA ARG B 79 13.18 -12.49 -2.96
C ARG B 79 12.23 -13.40 -2.25
N ASN B 80 12.77 -14.40 -1.56
CA ASN B 80 11.95 -15.36 -0.82
C ASN B 80 11.09 -14.71 0.27
N ASN B 81 11.67 -13.72 0.96
CA ASN B 81 10.97 -13.04 2.01
C ASN B 81 9.75 -12.34 1.45
N ALA B 82 9.90 -11.76 0.28
CA ALA B 82 8.79 -11.00 -0.28
C ALA B 82 7.71 -11.94 -0.79
N MET B 83 8.11 -13.04 -1.39
CA MET B 83 7.15 -14.04 -1.83
C MET B 83 6.32 -14.59 -0.70
N SER B 84 6.99 -14.87 0.43
CA SER B 84 6.36 -15.43 1.61
C SER B 84 5.40 -14.41 2.25
N PHE B 85 5.82 -13.16 2.30
CA PHE B 85 4.98 -12.08 2.77
C PHE B 85 3.70 -11.95 1.93
N ARG B 86 3.81 -12.01 0.59
CA ARG B 86 2.65 -11.89 -0.29
C ARG B 86 1.69 -13.05 -0.09
N ARG B 87 2.22 -14.25 -0.03
CA ARG B 87 1.40 -15.45 0.17
C ARG B 87 0.54 -15.30 1.42
N ALA B 88 1.13 -14.78 2.50
CA ALA B 88 0.47 -14.68 3.78
C ALA B 88 -0.59 -13.60 3.77
N LEU B 89 -0.27 -12.48 3.17
CA LEU B 89 -1.27 -11.42 3.03
C LEU B 89 -2.50 -11.89 2.23
N LEU B 90 -2.27 -12.77 1.26
CA LEU B 90 -3.31 -13.19 0.36
C LEU B 90 -4.25 -14.23 0.92
N ARG B 91 -3.79 -14.93 1.94
CA ARG B 91 -4.56 -16.02 2.50
C ARG B 91 -5.89 -15.62 3.13
N TYR B 92 -6.07 -14.37 3.49
CA TYR B 92 -7.35 -13.94 4.06
C TYR B 92 -7.81 -12.69 3.36
N ARG B 93 -9.11 -12.67 3.13
CA ARG B 93 -9.81 -11.55 2.60
C ARG B 93 -9.36 -10.30 3.35
N ASP B 94 -9.01 -9.24 2.62
CA ASP B 94 -8.53 -7.98 3.19
C ASP B 94 -7.32 -8.16 4.10
N GLY B 95 -6.60 -9.28 3.94
CA GLY B 95 -5.36 -9.52 4.68
C GLY B 95 -4.39 -8.32 4.69
N ALA B 96 -4.16 -7.70 3.54
CA ALA B 96 -3.28 -6.55 3.44
C ALA B 96 -3.80 -5.32 4.15
N LYS B 97 -5.10 -5.11 4.14
CA LYS B 97 -5.64 -3.93 4.82
C LYS B 97 -5.56 -4.12 6.31
N VAL B 98 -5.56 -5.37 6.73
CA VAL B 98 -5.41 -5.67 8.14
C VAL B 98 -4.00 -5.28 8.58
N HIS B 99 -3.02 -5.61 7.76
CA HIS B 99 -1.64 -5.34 8.10
C HIS B 99 -1.26 -3.83 8.15
N LEU B 100 -1.89 -3.03 7.29
CA LEU B 100 -1.60 -1.61 7.13
C LEU B 100 -1.45 -0.81 8.40
N GLY B 101 -0.28 -0.20 8.51
CA GLY B 101 0.03 0.71 9.59
C GLY B 101 0.36 0.11 10.94
N THR B 102 0.48 -1.21 11.00
CA THR B 102 1.02 -1.87 12.17
C THR B 102 2.52 -1.72 12.16
N ARG B 103 3.12 -1.96 13.32
CA ARG B 103 4.56 -1.92 13.51
C ARG B 103 4.88 -3.22 14.20
N PRO B 104 6.15 -3.60 14.26
CA PRO B 104 6.45 -4.88 14.87
C PRO B 104 6.00 -5.04 16.33
N ASP B 105 5.54 -6.25 16.64
CA ASP B 105 5.05 -6.62 17.94
C ASP B 105 6.25 -7.13 18.74
N GLU B 106 6.18 -7.00 20.06
CA GLU B 106 7.15 -7.62 20.97
C GLU B 106 7.65 -8.98 20.46
N LYS B 107 6.75 -9.86 20.06
CA LYS B 107 7.22 -11.19 19.69
C LYS B 107 7.75 -11.32 18.26
N GLN B 108 7.75 -10.23 17.51
CA GLN B 108 8.47 -10.16 16.26
C GLN B 108 9.86 -9.55 16.37
N TYR B 109 10.11 -8.71 17.38
CA TYR B 109 11.43 -8.07 17.59
C TYR B 109 12.69 -8.88 17.20
N ASP B 110 12.83 -10.05 17.78
CA ASP B 110 13.97 -10.93 17.47
C ASP B 110 14.15 -11.07 15.96
N THR B 111 13.04 -11.26 15.28
CA THR B 111 13.02 -11.63 13.87
C THR B 111 13.41 -10.46 12.97
N VAL B 112 12.83 -9.30 13.22
CA VAL B 112 13.10 -8.15 12.38
C VAL B 112 14.51 -7.60 12.64
N GLU B 113 14.99 -7.75 13.88
CA GLU B 113 16.34 -7.33 14.24
C GLU B 113 17.35 -8.15 13.43
N THR B 114 17.16 -9.46 13.46
CA THR B 114 17.99 -10.39 12.72
C THR B 114 18.03 -10.00 11.26
N GLN B 115 16.90 -9.55 10.71
CA GLN B 115 16.84 -9.17 9.31
C GLN B 115 17.65 -7.96 9.08
N LEU B 116 17.53 -7.00 9.96
CA LEU B 116 18.41 -5.82 9.83
C LEU B 116 19.90 -6.12 10.00
N ARG B 117 20.25 -6.98 10.94
CA ARG B 117 21.67 -7.28 11.17
C ARG B 117 22.20 -7.93 9.90
N PHE B 118 21.43 -8.89 9.37
CA PHE B 118 21.82 -9.63 8.16
C PHE B 118 22.19 -8.71 6.98
N MET B 119 21.41 -7.66 6.75
CA MET B 119 21.75 -6.71 5.70
C MET B 119 23.04 -5.98 6.01
N THR B 120 23.25 -5.60 7.25
CA THR B 120 24.46 -4.82 7.56
C THR B 120 25.70 -5.68 7.44
N GLU B 121 25.59 -6.94 7.83
CA GLU B 121 26.67 -7.89 7.66
C GLU B 121 26.97 -8.22 6.21
N ASN B 122 26.17 -7.66 5.31
CA ASN B 122 26.29 -7.94 3.92
C ASN B 122 26.70 -6.67 3.24
N GLY B 123 27.10 -5.66 4.00
CA GLY B 123 27.61 -4.44 3.40
C GLY B 123 26.71 -3.21 3.38
N PHE B 124 25.47 -3.32 3.84
CA PHE B 124 24.56 -2.17 3.82
C PHE B 124 24.79 -1.37 5.07
N SER B 125 24.89 -0.07 4.96
CA SER B 125 24.67 0.76 6.15
C SER B 125 23.28 0.43 6.70
N LEU B 126 23.11 0.62 7.99
CA LEU B 126 21.82 0.34 8.60
C LEU B 126 20.71 1.11 7.88
N ARG B 127 21.00 2.32 7.44
CA ARG B 127 20.02 3.16 6.76
C ARG B 127 19.61 2.56 5.41
N ASP B 128 20.61 2.26 4.59
CA ASP B 128 20.38 1.74 3.28
C ASP B 128 19.74 0.35 3.32
N GLY B 129 20.07 -0.42 4.35
CA GLY B 129 19.44 -1.72 4.55
C GLY B 129 17.97 -1.63 4.90
N LEU B 130 17.62 -0.62 5.70
CA LEU B 130 16.27 -0.39 6.11
C LEU B 130 15.45 0.07 4.89
N TYR B 131 15.98 1.05 4.16
CA TYR B 131 15.34 1.52 2.93
C TYR B 131 15.06 0.39 1.96
N ALA B 132 16.00 -0.52 1.82
CA ALA B 132 15.78 -1.66 0.96
C ALA B 132 14.67 -2.51 1.50
N ILE B 133 14.74 -2.86 2.76
CA ILE B 133 13.71 -3.70 3.33
C ILE B 133 12.32 -3.05 3.30
N SER B 134 12.24 -1.75 3.52
CA SER B 134 10.98 -1.05 3.47
C SER B 134 10.41 -1.05 2.09
N ALA B 135 11.25 -0.70 1.12
CA ALA B 135 10.82 -0.62 -0.28
C ALA B 135 10.21 -1.95 -0.73
N VAL B 136 10.87 -3.04 -0.44
CA VAL B 136 10.29 -4.33 -0.70
C VAL B 136 8.95 -4.45 0.00
N SER B 137 8.88 -4.01 1.24
CA SER B 137 7.62 -4.11 2.00
C SER B 137 6.48 -3.32 1.41
N HIS B 138 6.72 -2.06 1.13
CA HIS B 138 5.72 -1.21 0.55
C HIS B 138 5.26 -1.67 -0.84
N PHE B 139 6.20 -2.07 -1.68
CA PHE B 139 5.88 -2.52 -3.00
C PHE B 139 4.98 -3.74 -2.91
N THR B 140 5.36 -4.69 -2.08
CA THR B 140 4.57 -5.92 -1.93
C THR B 140 3.14 -5.62 -1.44
N LEU B 141 3.04 -4.72 -0.47
CA LEU B 141 1.79 -4.36 0.08
C LEU B 141 0.86 -3.76 -0.98
N GLY B 142 1.34 -2.74 -1.66
CA GLY B 142 0.62 -2.11 -2.76
C GLY B 142 0.17 -3.08 -3.84
N ALA B 143 1.00 -4.05 -4.17
CA ALA B 143 0.65 -5.01 -5.21
C ALA B 143 -0.47 -6.00 -4.79
N VAL B 144 -0.42 -6.41 -3.54
CA VAL B 144 -1.44 -7.26 -3.00
C VAL B 144 -2.74 -6.46 -2.78
N LEU B 145 -2.65 -5.23 -2.26
CA LEU B 145 -3.82 -4.40 -2.13
C LEU B 145 -4.63 -4.19 -3.43
N GLU B 146 -3.94 -3.94 -4.55
CA GLU B 146 -4.61 -3.76 -5.85
C GLU B 146 -5.15 -5.07 -6.42
N GLN B 147 -4.62 -6.18 -5.99
CA GLN B 147 -5.19 -7.43 -6.35
C GLN B 147 -6.48 -7.66 -5.55
N GLN B 148 -6.37 -7.50 -4.24
CA GLN B 148 -7.47 -7.81 -3.34
C GLN B 148 -8.63 -6.84 -3.54
N GLU B 149 -8.34 -5.56 -3.76
CA GLU B 149 -9.42 -4.62 -4.07
C GLU B 149 -10.17 -5.07 -5.29
N HIS B 150 -9.44 -5.19 -6.38
CA HIS B 150 -10.04 -5.35 -7.70
C HIS B 150 -10.33 -6.80 -8.01
N THR B 151 -10.89 -7.45 -7.00
CA THR B 151 -11.93 -8.43 -7.15
C THR B 151 -13.17 -7.95 -6.36
N ALA B 152 -13.37 -6.62 -6.29
CA ALA B 152 -14.63 -6.00 -5.88
C ALA B 152 -15.08 -5.02 -6.96
N ASN B 164 -16.00 2.89 -26.35
CA ASN B 164 -15.43 2.16 -25.23
C ASN B 164 -14.14 2.85 -24.68
N LEU B 165 -12.97 2.46 -25.22
CA LEU B 165 -11.73 2.35 -24.44
C LEU B 165 -10.49 2.27 -25.35
N PRO B 166 -9.38 3.01 -25.04
CA PRO B 166 -8.34 3.15 -26.06
C PRO B 166 -7.45 1.91 -26.18
N PRO B 167 -6.72 1.81 -27.31
CA PRO B 167 -6.14 0.54 -27.78
C PRO B 167 -5.06 -0.07 -26.94
N LEU B 168 -4.08 0.73 -26.53
CA LEU B 168 -2.96 0.19 -25.76
C LEU B 168 -3.41 -0.24 -24.37
N LEU B 169 -4.13 0.66 -23.71
CA LEU B 169 -4.74 0.37 -22.42
C LEU B 169 -5.55 -0.92 -22.49
N ARG B 170 -6.47 -1.05 -23.45
CA ARG B 170 -7.29 -2.29 -23.51
C ARG B 170 -6.44 -3.55 -23.66
N GLU B 171 -5.42 -3.51 -24.51
CA GLU B 171 -4.42 -4.57 -24.55
C GLU B 171 -3.70 -4.76 -23.20
N ALA B 172 -3.51 -3.66 -22.46
CA ALA B 172 -2.77 -3.70 -21.22
C ALA B 172 -3.55 -4.35 -20.09
N LEU B 173 -4.79 -3.92 -19.91
CA LEU B 173 -5.68 -4.51 -18.92
C LEU B 173 -5.99 -6.00 -19.15
N GLN B 174 -6.22 -6.39 -20.41
CA GLN B 174 -6.29 -7.82 -20.74
C GLN B 174 -5.07 -8.57 -20.16
N ILE B 175 -3.87 -7.99 -20.27
CA ILE B 175 -2.65 -8.65 -19.83
C ILE B 175 -2.53 -8.79 -18.31
N MET B 176 -2.94 -7.77 -17.55
CA MET B 176 -2.83 -7.90 -16.09
C MET B 176 -3.94 -8.78 -15.52
N ASP B 177 -5.04 -8.97 -16.24
CA ASP B 177 -6.13 -9.90 -15.84
C ASP B 177 -5.84 -11.34 -16.20
N SER B 178 -4.89 -11.59 -17.09
CA SER B 178 -4.50 -12.96 -17.44
C SER B 178 -4.04 -13.80 -16.22
N ASP B 179 -3.57 -13.15 -15.14
CA ASP B 179 -3.42 -13.86 -13.87
C ASP B 179 -3.80 -12.97 -12.69
N ASP B 180 -3.32 -13.31 -11.50
CA ASP B 180 -3.67 -12.54 -10.33
C ASP B 180 -2.83 -11.23 -10.17
N GLY B 181 -1.83 -11.01 -11.01
CA GLY B 181 -0.87 -9.92 -10.81
C GLY B 181 0.50 -10.42 -10.37
N GLU B 182 0.61 -11.75 -10.23
CA GLU B 182 1.84 -12.41 -9.81
C GLU B 182 3.04 -12.11 -10.70
N GLN B 183 2.80 -12.11 -12.00
CA GLN B 183 3.85 -11.78 -12.94
C GLN B 183 4.33 -10.36 -12.81
N ALA B 184 3.41 -9.40 -12.75
CA ALA B 184 3.80 -8.03 -12.60
C ALA B 184 4.55 -7.88 -11.27
N PHE B 185 4.14 -8.62 -10.26
CA PHE B 185 4.80 -8.54 -8.97
C PHE B 185 6.22 -9.07 -9.04
N LEU B 186 6.40 -10.28 -9.58
CA LEU B 186 7.72 -10.89 -9.59
C LEU B 186 8.68 -10.12 -10.50
N HIS B 187 8.15 -9.54 -11.58
CA HIS B 187 8.99 -8.77 -12.50
C HIS B 187 9.46 -7.48 -11.79
N GLY B 188 8.52 -6.74 -11.21
CA GLY B 188 8.80 -5.60 -10.38
C GLY B 188 9.79 -5.90 -9.26
N LEU B 189 9.64 -7.04 -8.61
CA LEU B 189 10.53 -7.44 -7.55
C LEU B 189 11.99 -7.55 -8.00
N GLU B 190 12.21 -8.17 -9.15
CA GLU B 190 13.56 -8.34 -9.66
C GLU B 190 14.18 -7.00 -9.99
N SER B 191 13.38 -6.08 -10.50
CA SER B 191 13.89 -4.73 -10.78
C SER B 191 14.32 -4.00 -9.51
N LEU B 192 13.54 -4.12 -8.44
CA LEU B 192 13.94 -3.59 -7.15
C LEU B 192 15.25 -4.17 -6.66
N ILE B 193 15.35 -5.50 -6.67
CA ILE B 193 16.53 -6.15 -6.14
C ILE B 193 17.79 -5.75 -6.91
N ARG B 194 17.76 -5.79 -8.23
CA ARG B 194 18.91 -5.44 -9.03
C ARG B 194 19.28 -3.96 -8.78
N GLY B 195 18.27 -3.11 -8.67
CA GLY B 195 18.49 -1.71 -8.38
C GLY B 195 19.24 -1.54 -7.09
N PHE B 196 18.96 -2.36 -6.10
CA PHE B 196 19.70 -2.25 -4.85
C PHE B 196 21.10 -2.75 -5.01
N GLU B 197 21.25 -3.77 -5.82
CA GLU B 197 22.57 -4.27 -6.12
C GLU B 197 23.47 -3.22 -6.75
N VAL B 198 22.95 -2.41 -7.65
CA VAL B 198 23.75 -1.40 -8.32
C VAL B 198 24.21 -0.32 -7.34
N GLN B 199 23.30 0.11 -6.48
CA GLN B 199 23.58 1.06 -5.42
C GLN B 199 24.65 0.56 -4.45
N LEU B 200 24.58 -0.70 -4.06
CA LEU B 200 25.50 -1.26 -3.06
C LEU B 200 26.90 -1.34 -3.63
N THR B 201 27.00 -1.93 -4.81
CA THR B 201 28.27 -2.22 -5.44
C THR B 201 28.99 -0.95 -5.86
N ALA B 202 28.26 0.15 -6.12
CA ALA B 202 28.91 1.42 -6.46
C ALA B 202 29.75 2.02 -5.30
N LEU B 203 29.36 1.78 -4.05
CA LEU B 203 30.13 2.32 -2.89
C LEU B 203 30.23 3.87 -2.96
N LEU B 204 31.44 4.39 -3.18
CA LEU B 204 31.67 5.83 -3.32
C LEU B 204 31.78 6.31 -4.75
N GLN B 205 31.70 5.39 -5.71
CA GLN B 205 31.60 5.74 -7.10
C GLN B 205 30.30 6.57 -7.36
N ILE B 206 30.34 7.40 -8.38
CA ILE B 206 29.13 8.04 -8.87
C ILE B 206 28.48 7.12 -9.87
N VAL B 207 27.19 6.88 -9.64
CA VAL B 207 26.48 5.83 -10.33
C VAL B 207 25.14 6.33 -10.85
C1 ITC C . -3.00 6.91 -12.65
O1 ITC C . -4.24 7.03 -12.60
C2 ITC C . -2.25 8.01 -13.13
C2' ITC C . -2.85 9.19 -13.66
O2' ITC C . -2.21 10.14 -14.07
N2' ITC C . -4.17 9.22 -13.65
C3 ITC C . -0.88 7.91 -13.04
O3 ITC C . -0.18 8.95 -13.53
C4 ITC C . -0.18 6.70 -12.89
N4 ITC C . 1.19 6.81 -12.26
C4' ITC C . 2.07 5.72 -12.71
C4D ITC C . 1.18 6.85 -10.81
C4A ITC C . -1.10 5.44 -12.49
C5 ITC C . -1.40 4.49 -13.60
C5A ITC C . -2.13 3.25 -12.93
C6 ITC C . -2.41 2.08 -13.94
O6 ITC C . -3.18 2.66 -14.99
C6' ITC C . -1.14 1.49 -14.54
C6A ITC C . -3.23 1.03 -13.37
C7 ITC C . -3.03 0.15 -12.34
CL7 ITC C . -1.61 0.08 -11.38
C8 ITC C . -4.01 -0.79 -11.98
C9 ITC C . -5.19 -0.83 -12.69
C10 ITC C . -5.34 0.07 -13.72
O10 ITC C . -6.49 0.05 -14.43
C6B ITC C . -4.37 0.97 -14.05
O11 ITC C . -5.10 1.99 -15.88
C5B ITC C . -3.46 3.72 -12.31
C12 ITC C . -3.13 4.76 -11.50
O12 ITC C . -3.47 4.67 -10.32
C4B ITC C . -2.36 5.87 -11.95
O4B ITC C . -1.97 6.57 -10.75
C11 ITC C . -4.29 1.91 -14.99
C1 CTC D . 7.80 -7.91 8.82
O1 CTC D . 7.18 -7.71 9.88
C2 CTC D . 8.44 -9.14 8.58
C2' CTC D . 8.42 -10.28 9.49
O2' CTC D . 8.95 -11.38 9.29
N2' CTC D . 7.77 -10.12 10.63
C3 CTC D . 9.04 -9.24 7.35
O3 CTC D . 9.69 -10.38 7.08
C4 CTC D . 9.47 -8.19 6.56
N4 CTC D . 9.46 -8.38 5.10
C4' CTC D . 10.48 -7.52 4.48
C4D CTC D . 8.14 -8.14 4.51
C4A CTC D . 9.03 -6.74 7.06
C5 CTC D . 9.98 -6.07 7.96
C5A CTC D . 9.41 -4.63 8.26
C6 CTC D . 10.20 -3.93 9.41
O6 CTC D . 10.53 -4.85 10.45
C6' CTC D . 11.47 -3.53 8.65
C6A CTC D . 9.62 -2.73 9.90
C7 CTC D . 10.36 -1.82 10.66
CL7 CTC D . 12.09 -2.08 11.11
C8 CTC D . 9.86 -0.61 11.09
C9 CTC D . 8.56 -0.26 10.81
C10 CTC D . 7.83 -1.16 10.07
O10 CTC D . 6.55 -0.80 9.82
C6B CTC D . 8.34 -2.37 9.53
C11 CTC D . 7.54 -3.36 8.93
O11 CTC D . 6.35 -3.39 9.26
C5B CTC D . 8.06 -4.58 8.52
C12 CTC D . 7.25 -5.66 8.18
O12 CTC D . 5.91 -5.61 8.42
C4B CTC D . 7.75 -6.90 7.77
O4B CTC D . 6.76 -7.44 6.86
MG MG E . 4.51 -3.98 8.63
#